data_1YZ9
#
_entry.id   1YZ9
#
_cell.length_a   60.586
_cell.length_b   118.362
_cell.length_c   61.900
_cell.angle_alpha   90.00
_cell.angle_beta   99.45
_cell.angle_gamma   90.00
#
_symmetry.space_group_name_H-M   'P 1 21 1'
#
loop_
_entity.id
_entity.type
_entity.pdbx_description
1 polymer "5'-R(*CP*GP*AP*AP*CP*UP*UP*CP*GP*CP*G)-3'"
2 polymer 'Ribonuclease III'
3 non-polymer 'SULFATE ION'
4 water water
#
loop_
_entity_poly.entity_id
_entity_poly.type
_entity_poly.pdbx_seq_one_letter_code
_entity_poly.pdbx_strand_id
1 'polyribonucleotide' CGAACUUCGCG C,D,E,F
2 'polypeptide(L)'
;MKMLEQLEKKLGYTFKDKSLLEKALTHVSYSKKEHYETLEFLGDALVNFFIVDLLVQYSPNKREGFLSPLKAYLISEEFF
NLLAQKLELHKFIRIKRGKINETIIGDVFQALWAAVYIDSGRDANFTRELFYKLFKEDILSAIKEGRVKKDYKTILQEIT
QKRWKERPEYRLISVEGPHHKKKFIVEAKIKEYRTLGEGKSKKEAEQRAAEELIKLLEESE
;
A,B
#
loop_
_chem_comp.id
_chem_comp.type
_chem_comp.name
_chem_comp.formula
A RNA linking ADENOSINE-5'-MONOPHOSPHATE 'C10 H14 N5 O7 P'
C RNA linking CYTIDINE-5'-MONOPHOSPHATE 'C9 H14 N3 O8 P'
G RNA linking GUANOSINE-5'-MONOPHOSPHATE 'C10 H14 N5 O8 P'
SO4 non-polymer 'SULFATE ION' 'O4 S -2'
U RNA linking URIDINE-5'-MONOPHOSPHATE 'C9 H13 N2 O9 P'
#
# COMPACT_ATOMS: atom_id res chain seq x y z
N MET E 1 23.52 12.80 21.15
CA MET E 1 24.37 12.07 20.18
C MET E 1 24.14 10.55 20.22
N LYS E 2 23.83 10.02 21.40
CA LYS E 2 23.59 8.59 21.50
C LYS E 2 22.68 8.15 22.66
N MET E 3 22.68 8.90 23.75
CA MET E 3 21.83 8.57 24.90
C MET E 3 20.36 8.61 24.51
N LEU E 4 19.61 7.57 24.86
CA LEU E 4 18.18 7.51 24.55
C LEU E 4 17.44 8.71 25.10
N GLU E 5 17.85 9.16 26.29
CA GLU E 5 17.22 10.30 26.93
C GLU E 5 17.22 11.52 26.02
N GLN E 6 18.27 11.63 25.21
CA GLN E 6 18.38 12.75 24.27
C GLN E 6 17.32 12.65 23.18
N LEU E 7 17.06 11.43 22.70
CA LEU E 7 16.03 11.26 21.68
C LEU E 7 14.65 11.48 22.31
N GLU E 8 14.47 11.01 23.54
CA GLU E 8 13.18 11.18 24.21
C GLU E 8 12.85 12.66 24.38
N LYS E 9 13.89 13.47 24.55
CA LYS E 9 13.71 14.91 24.70
C LYS E 9 13.19 15.48 23.39
N LYS E 10 13.76 15.01 22.27
CA LYS E 10 13.34 15.48 20.95
C LYS E 10 11.92 14.99 20.66
N LEU E 11 11.67 13.73 20.98
CA LEU E 11 10.35 13.14 20.76
C LEU E 11 9.24 13.82 21.56
N GLY E 12 9.58 14.25 22.77
CA GLY E 12 8.59 14.87 23.62
C GLY E 12 7.84 13.77 24.34
N TYR E 13 8.47 12.60 24.44
CA TYR E 13 7.87 11.45 25.09
C TYR E 13 8.91 10.58 25.76
N THR E 14 8.66 10.22 27.02
CA THR E 14 9.57 9.39 27.78
C THR E 14 8.99 7.98 27.90
N PHE E 15 9.76 6.99 27.47
CA PHE E 15 9.30 5.61 27.53
C PHE E 15 9.31 5.00 28.92
N LYS E 16 8.30 4.21 29.20
CA LYS E 16 8.20 3.49 30.45
C LYS E 16 9.10 2.27 30.25
N ASP E 17 8.89 1.57 29.13
CA ASP E 17 9.69 0.39 28.80
C ASP E 17 10.78 0.76 27.79
N LYS E 18 11.96 1.07 28.31
CA LYS E 18 13.10 1.48 27.49
C LYS E 18 13.52 0.46 26.42
N SER E 19 13.36 -0.83 26.73
CA SER E 19 13.75 -1.87 25.78
C SER E 19 12.93 -1.77 24.49
N LEU E 20 11.73 -1.20 24.60
CA LEU E 20 10.86 -1.04 23.45
C LEU E 20 11.52 -0.04 22.50
N LEU E 21 12.05 1.04 23.06
CA LEU E 21 12.71 2.08 22.29
C LEU E 21 14.01 1.55 21.68
N GLU E 22 14.78 0.83 22.48
CA GLU E 22 16.04 0.26 22.02
C GLU E 22 15.77 -0.67 20.84
N LYS E 23 14.76 -1.52 20.98
CA LYS E 23 14.41 -2.47 19.92
C LYS E 23 14.08 -1.71 18.63
N ALA E 24 13.38 -0.63 18.76
CA ALA E 24 12.99 0.16 17.61
C ALA E 24 14.19 0.75 16.90
N LEU E 25 15.27 0.97 17.66
CA LEU E 25 16.47 1.57 17.11
C LEU E 25 17.52 0.53 16.70
N THR E 26 17.21 -0.75 16.89
CA THR E 26 18.16 -1.80 16.59
C THR E 26 17.95 -2.58 15.29
N HIS E 27 18.99 -2.63 14.49
CA HIS E 27 18.98 -3.34 13.22
C HIS E 27 19.19 -4.83 13.47
N VAL E 28 18.77 -5.66 12.53
CA VAL E 28 18.87 -7.10 12.66
C VAL E 28 20.28 -7.62 12.97
N SER E 29 21.30 -6.95 12.44
CA SER E 29 22.69 -7.36 12.66
C SER E 29 23.18 -7.13 14.09
N TYR E 30 22.73 -6.04 14.70
CA TYR E 30 23.14 -5.67 16.06
C TYR E 30 22.58 -6.62 17.13
N SER E 31 21.39 -7.17 16.89
CA SER E 31 20.77 -8.09 17.83
C SER E 31 19.78 -9.01 17.10
N LYS E 32 20.28 -10.15 16.63
CA LYS E 32 19.44 -11.11 15.91
C LYS E 32 18.29 -11.54 16.80
N LYS E 33 18.48 -11.43 18.11
CA LYS E 33 17.45 -11.80 19.06
C LYS E 33 16.19 -10.99 18.78
N GLU E 34 16.22 -9.70 19.10
CA GLU E 34 15.07 -8.84 18.88
C GLU E 34 15.37 -7.48 18.25
N HIS E 35 15.00 -7.35 16.98
CA HIS E 35 15.21 -6.12 16.23
C HIS E 35 13.89 -5.41 15.93
N TYR E 36 13.97 -4.32 15.10
CA TYR E 36 12.77 -3.52 14.81
C TYR E 36 11.81 -4.02 13.73
N GLU E 37 12.15 -5.10 13.02
CA GLU E 37 11.31 -5.60 11.94
C GLU E 37 9.79 -5.64 12.18
N THR E 38 9.37 -6.19 13.31
CA THR E 38 7.94 -6.23 13.62
C THR E 38 7.38 -4.83 13.90
N LEU E 39 8.10 -4.05 14.69
CA LEU E 39 7.71 -2.67 15.01
C LEU E 39 7.64 -1.89 13.69
N GLU E 40 8.59 -2.17 12.80
CA GLU E 40 8.63 -1.51 11.50
C GLU E 40 7.34 -1.79 10.74
N PHE E 41 6.94 -3.06 10.73
CA PHE E 41 5.73 -3.49 10.05
C PHE E 41 4.50 -2.75 10.60
N LEU E 42 4.40 -2.70 11.92
CA LEU E 42 3.29 -2.00 12.55
C LEU E 42 3.42 -0.49 12.31
N GLY E 43 4.63 0.03 12.46
CA GLY E 43 4.84 1.45 12.27
C GLY E 43 4.47 1.95 10.89
N ASP E 44 4.68 1.11 9.88
CA ASP E 44 4.32 1.50 8.53
C ASP E 44 2.83 1.85 8.48
N ALA E 45 1.99 0.94 8.95
CA ALA E 45 0.54 1.16 8.94
C ALA E 45 0.13 2.35 9.81
N LEU E 46 0.75 2.50 10.98
CA LEU E 46 0.42 3.61 11.87
C LEU E 46 0.70 4.97 11.24
N VAL E 47 1.96 5.16 10.82
CA VAL E 47 2.36 6.41 10.20
C VAL E 47 1.52 6.69 8.96
N ASN E 48 1.31 5.69 8.11
CA ASN E 48 0.49 5.88 6.90
C ASN E 48 -0.86 6.49 7.31
N PHE E 49 -1.45 5.93 8.36
CA PHE E 49 -2.73 6.43 8.86
C PHE E 49 -2.62 7.91 9.31
N PHE E 50 -1.63 8.23 10.15
CA PHE E 50 -1.48 9.62 10.61
C PHE E 50 -1.37 10.60 9.43
N ILE E 51 -0.54 10.24 8.45
CA ILE E 51 -0.32 11.11 7.30
C ILE E 51 -1.56 11.27 6.44
N VAL E 52 -2.21 10.15 6.11
CA VAL E 52 -3.43 10.22 5.28
C VAL E 52 -4.54 11.03 5.96
N ASP E 53 -4.65 10.92 7.28
CA ASP E 53 -5.69 11.67 8.00
C ASP E 53 -5.46 13.17 7.77
N LEU E 54 -4.22 13.63 7.88
CA LEU E 54 -3.91 15.04 7.63
C LEU E 54 -4.25 15.37 6.18
N LEU E 55 -3.71 14.56 5.27
CA LEU E 55 -3.93 14.75 3.84
C LEU E 55 -5.38 15.02 3.47
N VAL E 56 -6.30 14.14 3.88
CA VAL E 56 -7.70 14.32 3.52
C VAL E 56 -8.35 15.55 4.17
N GLN E 57 -7.78 16.02 5.28
CA GLN E 57 -8.34 17.19 5.94
C GLN E 57 -7.86 18.51 5.33
N TYR E 58 -6.58 18.56 4.98
CA TYR E 58 -5.99 19.79 4.47
C TYR E 58 -5.67 19.94 2.98
N SER E 59 -5.79 18.87 2.20
CA SER E 59 -5.48 18.98 0.78
C SER E 59 -6.42 20.00 0.12
N PRO E 60 -5.89 20.82 -0.80
CA PRO E 60 -6.71 21.83 -1.48
C PRO E 60 -7.86 21.16 -2.22
N ASN E 61 -7.53 20.10 -2.96
CA ASN E 61 -8.52 19.35 -3.72
C ASN E 61 -8.70 17.95 -3.13
N LYS E 62 -9.95 17.55 -2.92
CA LYS E 62 -10.24 16.25 -2.32
C LYS E 62 -10.38 15.06 -3.27
N ARG E 63 -10.24 15.29 -4.58
CA ARG E 63 -10.34 14.21 -5.54
C ARG E 63 -9.16 13.24 -5.43
N GLU E 64 -9.44 11.95 -5.57
CA GLU E 64 -8.42 10.92 -5.48
C GLU E 64 -7.27 11.12 -6.45
N GLY E 65 -7.57 11.64 -7.64
CA GLY E 65 -6.54 11.86 -8.62
C GLY E 65 -5.54 12.90 -8.14
N PHE E 66 -5.98 13.71 -7.17
CA PHE E 66 -5.14 14.76 -6.61
C PHE E 66 -4.40 14.23 -5.37
N LEU E 67 -5.14 13.61 -4.45
CA LEU E 67 -4.57 13.08 -3.22
C LEU E 67 -3.50 11.98 -3.40
N SER E 68 -3.72 11.06 -4.34
CA SER E 68 -2.77 9.97 -4.57
C SER E 68 -1.31 10.37 -4.74
N PRO E 69 -1.02 11.37 -5.58
CA PRO E 69 0.39 11.76 -5.73
C PRO E 69 0.99 12.41 -4.47
N LEU E 70 0.18 13.16 -3.72
CA LEU E 70 0.68 13.78 -2.50
C LEU E 70 1.02 12.66 -1.50
N LYS E 71 0.10 11.71 -1.38
CA LYS E 71 0.28 10.59 -0.46
C LYS E 71 1.53 9.79 -0.83
N ALA E 72 1.71 9.57 -2.13
CA ALA E 72 2.87 8.81 -2.59
C ALA E 72 4.16 9.45 -2.10
N TYR E 73 4.23 10.79 -2.14
CA TYR E 73 5.41 11.47 -1.66
C TYR E 73 5.46 11.51 -0.14
N LEU E 74 4.32 11.79 0.51
CA LEU E 74 4.27 11.88 1.97
C LEU E 74 4.59 10.61 2.75
N ILE E 75 4.43 9.44 2.13
CA ILE E 75 4.73 8.19 2.82
C ILE E 75 5.95 7.53 2.21
N SER E 76 6.69 8.29 1.42
CA SER E 76 7.90 7.78 0.77
C SER E 76 9.06 7.79 1.75
N GLU E 77 10.07 7.01 1.42
CA GLU E 77 11.28 6.90 2.23
C GLU E 77 11.96 8.27 2.31
N GLU E 78 11.89 9.04 1.23
CA GLU E 78 12.50 10.36 1.18
C GLU E 78 11.87 11.31 2.22
N PHE E 79 10.55 11.34 2.28
CA PHE E 79 9.90 12.22 3.23
C PHE E 79 10.14 11.75 4.67
N PHE E 80 10.12 10.42 4.88
CA PHE E 80 10.35 9.91 6.22
C PHE E 80 11.75 10.31 6.71
N ASN E 81 12.72 10.34 5.80
CA ASN E 81 14.07 10.76 6.18
C ASN E 81 14.07 12.24 6.53
N LEU E 82 13.22 13.03 5.85
CA LEU E 82 13.13 14.45 6.15
C LEU E 82 12.59 14.62 7.58
N LEU E 83 11.51 13.92 7.90
CA LEU E 83 10.94 14.00 9.24
C LEU E 83 11.94 13.45 10.25
N ALA E 84 12.54 12.30 9.93
CA ALA E 84 13.51 11.68 10.82
C ALA E 84 14.65 12.62 11.23
N GLN E 85 15.12 13.44 10.29
CA GLN E 85 16.21 14.35 10.57
C GLN E 85 15.88 15.34 11.68
N LYS E 86 14.60 15.67 11.83
CA LYS E 86 14.20 16.60 12.88
C LYS E 86 14.44 15.99 14.25
N LEU E 87 14.67 14.68 14.27
CA LEU E 87 14.92 13.97 15.52
C LEU E 87 16.37 13.50 15.52
N GLU E 88 17.10 13.82 14.45
CA GLU E 88 18.48 13.39 14.31
C GLU E 88 18.52 11.88 14.59
N LEU E 89 17.50 11.19 14.09
CA LEU E 89 17.37 9.75 14.30
C LEU E 89 18.61 8.94 13.98
N HIS E 90 19.30 9.28 12.90
CA HIS E 90 20.49 8.52 12.51
C HIS E 90 21.52 8.34 13.63
N LYS E 91 21.61 9.32 14.52
CA LYS E 91 22.58 9.25 15.62
C LYS E 91 22.27 8.19 16.67
N PHE E 92 21.01 7.80 16.77
CA PHE E 92 20.61 6.81 17.77
C PHE E 92 20.45 5.39 17.26
N ILE E 93 20.57 5.20 15.95
CA ILE E 93 20.41 3.86 15.39
C ILE E 93 21.58 2.94 15.73
N ARG E 94 21.24 1.75 16.21
CA ARG E 94 22.23 0.76 16.59
C ARG E 94 22.32 -0.31 15.52
N ILE E 95 23.48 -0.41 14.88
CA ILE E 95 23.69 -1.41 13.84
C ILE E 95 25.09 -2.02 13.96
N LYS E 96 25.17 -3.33 13.74
CA LYS E 96 26.43 -4.05 13.84
C LYS E 96 27.12 -4.21 12.49
N ARG E 97 26.36 -4.61 11.48
CA ARG E 97 26.93 -4.81 10.16
C ARG E 97 26.27 -3.93 9.11
N GLY E 98 27.10 -3.36 8.23
CA GLY E 98 26.58 -2.51 7.18
C GLY E 98 26.54 -1.06 7.62
N LYS E 99 26.12 -0.18 6.71
CA LYS E 99 26.05 1.25 7.01
C LYS E 99 24.60 1.70 7.17
N ILE E 100 24.42 2.84 7.85
CA ILE E 100 23.09 3.41 8.05
C ILE E 100 22.72 4.17 6.80
N ASN E 101 21.66 3.73 6.12
CA ASN E 101 21.21 4.40 4.90
C ASN E 101 19.80 4.94 5.08
N GLU E 102 19.22 5.48 4.01
CA GLU E 102 17.88 6.04 4.08
C GLU E 102 16.78 5.00 4.25
N THR E 103 17.01 3.79 3.78
CA THR E 103 16.04 2.72 3.92
C THR E 103 15.97 2.32 5.40
N ILE E 104 17.14 2.21 6.03
CA ILE E 104 17.20 1.84 7.44
C ILE E 104 16.63 2.95 8.30
N ILE E 105 16.99 4.19 8.00
CA ILE E 105 16.50 5.35 8.75
C ILE E 105 14.98 5.40 8.64
N GLY E 106 14.47 5.18 7.43
CA GLY E 106 13.03 5.18 7.21
C GLY E 106 12.35 4.08 8.00
N ASP E 107 12.92 2.89 7.98
CA ASP E 107 12.36 1.76 8.71
C ASP E 107 12.39 2.01 10.23
N VAL E 108 13.48 2.58 10.72
CA VAL E 108 13.60 2.87 12.15
C VAL E 108 12.57 3.92 12.53
N PHE E 109 12.39 4.93 11.68
CA PHE E 109 11.41 5.97 11.92
C PHE E 109 10.02 5.34 12.12
N GLN E 110 9.67 4.38 11.27
CA GLN E 110 8.39 3.69 11.39
C GLN E 110 8.33 2.90 12.71
N ALA E 111 9.40 2.17 13.00
CA ALA E 111 9.47 1.35 14.20
C ALA E 111 9.32 2.21 15.45
N LEU E 112 9.96 3.38 15.45
CA LEU E 112 9.90 4.28 16.58
C LEU E 112 8.47 4.62 16.95
N TRP E 113 7.65 4.91 15.94
CA TRP E 113 6.25 5.25 16.18
C TRP E 113 5.43 4.06 16.63
N ALA E 114 5.83 2.87 16.20
CA ALA E 114 5.15 1.66 16.62
C ALA E 114 5.47 1.49 18.10
N ALA E 115 6.73 1.77 18.46
CA ALA E 115 7.18 1.64 19.83
C ALA E 115 6.44 2.58 20.79
N VAL E 116 6.29 3.85 20.39
CA VAL E 116 5.56 4.84 21.21
C VAL E 116 4.12 4.34 21.39
N TYR E 117 3.53 3.91 20.28
CA TYR E 117 2.16 3.39 20.27
C TYR E 117 2.01 2.24 21.26
N ILE E 118 2.94 1.29 21.22
CA ILE E 118 2.89 0.14 22.11
C ILE E 118 3.11 0.55 23.57
N ASP E 119 4.14 1.37 23.80
CA ASP E 119 4.47 1.80 25.15
C ASP E 119 3.36 2.58 25.83
N SER E 120 2.58 3.32 25.03
CA SER E 120 1.49 4.12 25.57
C SER E 120 0.25 3.26 25.80
N GLY E 121 0.37 1.97 25.52
CA GLY E 121 -0.76 1.05 25.69
C GLY E 121 -1.64 0.95 24.45
N ARG E 122 -1.02 1.05 23.27
CA ARG E 122 -1.73 0.99 21.99
C ARG E 122 -2.78 2.09 21.95
N ASP E 123 -2.35 3.30 22.29
CA ASP E 123 -3.23 4.47 22.30
C ASP E 123 -3.03 5.18 20.97
N ALA E 124 -3.91 4.91 20.00
CA ALA E 124 -3.80 5.52 18.69
C ALA E 124 -3.99 7.04 18.70
N ASN E 125 -4.94 7.52 19.50
CA ASN E 125 -5.19 8.97 19.56
C ASN E 125 -3.99 9.71 20.14
N PHE E 126 -3.42 9.19 21.22
CA PHE E 126 -2.28 9.83 21.83
C PHE E 126 -1.06 9.83 20.91
N THR E 127 -0.78 8.69 20.29
CA THR E 127 0.37 8.60 19.41
C THR E 127 0.22 9.52 18.20
N ARG E 128 -1.00 9.63 17.67
CA ARG E 128 -1.23 10.50 16.52
C ARG E 128 -0.94 11.95 16.91
N GLU E 129 -1.50 12.39 18.03
CA GLU E 129 -1.29 13.77 18.50
C GLU E 129 0.19 14.07 18.73
N LEU E 130 0.90 13.13 19.31
CA LEU E 130 2.32 13.31 19.56
C LEU E 130 3.07 13.43 18.21
N PHE E 131 2.63 12.67 17.21
CA PHE E 131 3.23 12.68 15.88
C PHE E 131 2.96 14.06 15.26
N TYR E 132 1.74 14.56 15.44
CA TYR E 132 1.39 15.87 14.89
C TYR E 132 2.16 17.02 15.54
N LYS E 133 2.35 16.96 16.86
CA LYS E 133 3.08 18.03 17.55
C LYS E 133 4.43 18.25 16.87
N LEU E 134 5.05 17.16 16.44
CA LEU E 134 6.35 17.26 15.79
C LEU E 134 6.32 17.51 14.28
N PHE E 135 5.36 16.88 13.59
CA PHE E 135 5.41 16.95 12.11
C PHE E 135 4.19 17.54 11.37
N LYS E 136 3.11 17.90 12.06
CA LYS E 136 1.96 18.44 11.36
C LYS E 136 2.30 19.65 10.48
N GLU E 137 3.03 20.59 11.07
CA GLU E 137 3.44 21.81 10.37
C GLU E 137 4.20 21.48 9.08
N ASP E 138 5.14 20.55 9.17
CA ASP E 138 5.91 20.16 7.99
C ASP E 138 5.06 19.42 6.97
N ILE E 139 4.14 18.59 7.43
CA ILE E 139 3.28 17.85 6.51
C ILE E 139 2.32 18.78 5.77
N LEU E 140 1.67 19.71 6.49
CA LEU E 140 0.72 20.63 5.85
C LEU E 140 1.45 21.55 4.87
N SER E 141 2.70 21.84 5.17
CA SER E 141 3.53 22.68 4.31
C SER E 141 3.80 21.90 3.01
N ALA E 142 4.15 20.62 3.14
CA ALA E 142 4.42 19.79 1.98
C ALA E 142 3.17 19.66 1.12
N ILE E 143 2.01 19.57 1.78
CA ILE E 143 0.74 19.44 1.11
C ILE E 143 0.39 20.75 0.38
N LYS E 144 0.60 21.88 1.06
CA LYS E 144 0.32 23.19 0.52
C LYS E 144 1.22 23.52 -0.69
N GLU E 145 2.51 23.20 -0.56
CA GLU E 145 3.48 23.46 -1.63
C GLU E 145 3.40 22.42 -2.75
N GLY E 146 2.45 21.50 -2.63
CA GLY E 146 2.25 20.46 -3.62
C GLY E 146 3.43 19.56 -3.93
N ARG E 147 4.16 19.13 -2.91
CA ARG E 147 5.30 18.26 -3.14
C ARG E 147 4.83 16.89 -3.60
N VAL E 148 5.38 16.45 -4.73
CA VAL E 148 5.02 15.14 -5.27
C VAL E 148 6.28 14.51 -5.85
N LYS E 149 6.19 13.25 -6.23
CA LYS E 149 7.32 12.57 -6.81
C LYS E 149 7.62 13.17 -8.19
N LYS E 150 8.89 13.17 -8.57
CA LYS E 150 9.33 13.71 -9.85
C LYS E 150 8.49 13.12 -10.99
N ASP E 151 8.03 13.97 -11.91
CA ASP E 151 7.23 13.54 -13.07
C ASP E 151 8.13 12.96 -14.17
N TYR E 152 7.53 12.32 -15.18
CA TYR E 152 8.30 11.70 -16.26
C TYR E 152 9.17 12.62 -17.10
N LYS E 153 8.63 13.75 -17.55
CA LYS E 153 9.43 14.65 -18.36
C LYS E 153 10.65 15.09 -17.58
N THR E 154 10.47 15.35 -16.28
CA THR E 154 11.59 15.80 -15.45
C THR E 154 12.60 14.67 -15.27
N ILE E 155 12.10 13.45 -15.06
CA ILE E 155 12.98 12.29 -14.90
C ILE E 155 13.74 12.05 -16.20
N LEU E 156 13.06 12.21 -17.33
CA LEU E 156 13.72 11.99 -18.62
C LEU E 156 14.86 12.96 -18.87
N GLN E 157 14.63 14.27 -18.72
CA GLN E 157 15.71 15.21 -19.00
C GLN E 157 16.95 14.98 -18.15
N GLU E 158 16.77 14.49 -16.93
CA GLU E 158 17.92 14.24 -16.06
C GLU E 158 18.69 13.03 -16.59
N ILE E 159 17.96 12.02 -17.05
CA ILE E 159 18.56 10.81 -17.60
C ILE E 159 19.33 11.16 -18.88
N THR E 160 18.71 11.93 -19.76
CA THR E 160 19.35 12.31 -21.01
C THR E 160 20.49 13.28 -20.77
N GLN E 161 20.38 14.06 -19.70
CA GLN E 161 21.42 15.03 -19.34
C GLN E 161 22.67 14.27 -18.89
N LYS E 162 22.46 13.28 -18.02
CA LYS E 162 23.55 12.49 -17.50
C LYS E 162 24.24 11.65 -18.57
N ARG E 163 23.42 11.01 -19.41
CA ARG E 163 23.93 10.15 -20.47
C ARG E 163 24.56 10.85 -21.67
N TRP E 164 23.88 11.85 -22.22
CA TRP E 164 24.40 12.54 -23.41
C TRP E 164 24.57 14.05 -23.25
N LYS E 165 24.43 14.56 -22.02
CA LYS E 165 24.56 16.00 -21.78
C LYS E 165 23.67 16.81 -22.72
N GLU E 166 22.44 16.35 -22.90
CA GLU E 166 21.47 17.05 -23.76
C GLU E 166 20.08 16.82 -23.19
N ARG E 167 19.11 17.63 -23.62
CA ARG E 167 17.74 17.51 -23.13
C ARG E 167 16.81 17.03 -24.25
N PRO E 168 15.71 16.35 -23.90
CA PRO E 168 14.74 15.83 -24.87
C PRO E 168 14.10 16.92 -25.69
N GLU E 169 13.45 16.52 -26.78
CA GLU E 169 12.76 17.48 -27.63
C GLU E 169 11.37 16.93 -27.88
N TYR E 170 10.37 17.80 -27.87
CA TYR E 170 9.00 17.37 -28.11
C TYR E 170 8.42 18.19 -29.23
N ARG E 171 7.51 17.58 -29.98
CA ARG E 171 6.85 18.29 -31.05
C ARG E 171 5.44 17.77 -31.12
N LEU E 172 4.51 18.67 -31.40
CA LEU E 172 3.10 18.32 -31.51
C LEU E 172 2.89 17.69 -32.88
N ILE E 173 2.57 16.40 -32.89
CA ILE E 173 2.33 15.67 -34.14
C ILE E 173 0.96 15.98 -34.72
N SER E 174 -0.08 15.98 -33.88
CA SER E 174 -1.42 16.27 -34.36
C SER E 174 -2.39 16.56 -33.23
N VAL E 175 -3.46 17.26 -33.56
CA VAL E 175 -4.50 17.61 -32.60
C VAL E 175 -5.84 17.41 -33.28
N GLU E 176 -6.81 16.84 -32.56
CA GLU E 176 -8.12 16.60 -33.16
C GLU E 176 -9.27 16.50 -32.14
N GLY E 177 -10.48 16.34 -32.67
CA GLY E 177 -11.66 16.24 -31.83
C GLY E 177 -12.32 17.58 -31.57
N PRO E 178 -13.45 17.59 -30.85
CA PRO E 178 -14.17 18.83 -30.53
C PRO E 178 -13.23 19.76 -29.76
N HIS E 179 -13.38 21.07 -29.97
CA HIS E 179 -12.51 22.02 -29.29
C HIS E 179 -12.64 21.99 -27.78
N HIS E 180 -13.69 21.35 -27.28
CA HIS E 180 -13.88 21.23 -25.84
C HIS E 180 -13.50 19.83 -25.38
N LYS E 181 -13.02 19.01 -26.32
CA LYS E 181 -12.61 17.65 -26.00
C LYS E 181 -11.47 17.19 -26.92
N LYS E 182 -10.44 18.04 -27.03
CA LYS E 182 -9.30 17.75 -27.90
C LYS E 182 -8.43 16.58 -27.46
N LYS E 183 -7.77 15.97 -28.45
CA LYS E 183 -6.86 14.88 -28.20
C LYS E 183 -5.55 15.29 -28.87
N PHE E 184 -4.46 15.24 -28.11
CA PHE E 184 -3.16 15.62 -28.63
C PHE E 184 -2.22 14.44 -28.78
N ILE E 185 -1.43 14.46 -29.84
CA ILE E 185 -0.44 13.41 -30.08
C ILE E 185 0.87 14.15 -30.21
N VAL E 186 1.80 13.84 -29.31
CA VAL E 186 3.09 14.49 -29.26
C VAL E 186 4.23 13.48 -29.41
N GLU E 187 5.36 13.94 -29.93
CA GLU E 187 6.51 13.08 -30.11
C GLU E 187 7.62 13.56 -29.18
N ALA E 188 8.25 12.63 -28.48
CA ALA E 188 9.35 12.95 -27.59
C ALA E 188 10.59 12.30 -28.23
N LYS E 189 11.74 12.96 -28.17
CA LYS E 189 12.93 12.37 -28.77
C LYS E 189 14.26 12.75 -28.12
N ILE E 190 15.17 11.79 -28.13
CA ILE E 190 16.53 11.97 -27.63
C ILE E 190 17.41 11.05 -28.49
N LYS E 191 18.43 11.63 -29.11
CA LYS E 191 19.31 10.87 -29.99
C LYS E 191 18.46 10.14 -31.04
N GLU E 192 18.72 8.86 -31.25
CA GLU E 192 18.01 8.05 -32.25
C GLU E 192 16.64 7.54 -31.79
N TYR E 193 16.35 7.68 -30.50
CA TYR E 193 15.09 7.17 -29.93
C TYR E 193 13.95 8.18 -29.93
N ARG E 194 12.76 7.72 -30.34
CA ARG E 194 11.59 8.58 -30.38
C ARG E 194 10.34 7.81 -29.99
N THR E 195 9.39 8.51 -29.37
CA THR E 195 8.14 7.90 -28.95
C THR E 195 6.97 8.85 -29.13
N LEU E 196 5.77 8.28 -29.17
CA LEU E 196 4.56 9.08 -29.30
C LEU E 196 3.79 9.01 -28.00
N GLY E 197 3.09 10.09 -27.68
CA GLY E 197 2.30 10.15 -26.46
C GLY E 197 0.97 10.79 -26.82
N GLU E 198 -0.10 10.31 -26.22
CA GLU E 198 -1.42 10.84 -26.54
C GLU E 198 -2.14 11.20 -25.24
N GLY E 199 -2.91 12.28 -25.26
CA GLY E 199 -3.65 12.69 -24.07
C GLY E 199 -4.66 13.80 -24.29
N LYS E 200 -5.29 14.24 -23.21
CA LYS E 200 -6.30 15.29 -23.26
C LYS E 200 -5.69 16.68 -23.23
N SER E 201 -4.38 16.77 -23.07
CA SER E 201 -3.72 18.07 -23.06
C SER E 201 -2.32 17.88 -23.63
N LYS E 202 -1.65 18.96 -24.01
CA LYS E 202 -0.29 18.85 -24.54
C LYS E 202 0.65 18.24 -23.52
N LYS E 203 0.64 18.80 -22.31
CA LYS E 203 1.51 18.31 -21.25
C LYS E 203 1.29 16.82 -20.97
N GLU E 204 0.03 16.40 -20.92
CA GLU E 204 -0.27 15.00 -20.66
C GLU E 204 0.28 14.11 -21.77
N ALA E 205 0.10 14.50 -23.03
CA ALA E 205 0.62 13.69 -24.13
C ALA E 205 2.14 13.59 -23.96
N GLU E 206 2.77 14.73 -23.65
CA GLU E 206 4.22 14.76 -23.47
C GLU E 206 4.67 13.84 -22.34
N GLN E 207 3.91 13.85 -21.23
CA GLN E 207 4.23 13.01 -20.09
C GLN E 207 4.24 11.55 -20.51
N ARG E 208 3.22 11.13 -21.26
CA ARG E 208 3.16 9.75 -21.73
C ARG E 208 4.29 9.44 -22.70
N ALA E 209 4.64 10.42 -23.53
CA ALA E 209 5.75 10.22 -24.48
C ALA E 209 7.06 10.10 -23.70
N ALA E 210 7.23 10.91 -22.66
CA ALA E 210 8.44 10.87 -21.86
C ALA E 210 8.52 9.53 -21.13
N GLU E 211 7.38 9.08 -20.61
CA GLU E 211 7.33 7.82 -19.89
C GLU E 211 7.78 6.66 -20.80
N GLU E 212 7.29 6.63 -22.03
CA GLU E 212 7.66 5.55 -22.95
C GLU E 212 9.13 5.64 -23.35
N LEU E 213 9.62 6.86 -23.56
CA LEU E 213 11.01 7.06 -23.94
C LEU E 213 11.94 6.53 -22.85
N ILE E 214 11.58 6.81 -21.60
CA ILE E 214 12.37 6.35 -20.47
C ILE E 214 12.54 4.82 -20.54
N LYS E 215 11.46 4.13 -20.90
CA LYS E 215 11.51 2.67 -21.03
C LYS E 215 12.46 2.28 -22.15
N LEU E 216 12.43 3.00 -23.26
CA LEU E 216 13.32 2.71 -24.39
C LEU E 216 14.78 2.86 -23.98
N LEU E 217 15.08 3.91 -23.22
CA LEU E 217 16.44 4.15 -22.78
C LEU E 217 16.86 3.11 -21.75
N GLU E 218 15.88 2.47 -21.12
CA GLU E 218 16.15 1.44 -20.14
C GLU E 218 16.57 0.16 -20.85
N GLU E 219 15.92 -0.12 -21.98
CA GLU E 219 16.23 -1.32 -22.76
C GLU E 219 17.65 -1.29 -23.33
N SER E 220 18.09 -0.12 -23.77
CA SER E 220 19.42 0.02 -24.34
C SER E 220 20.18 1.18 -23.69
N MET F 3 -33.92 2.92 6.31
CA MET F 3 -33.07 1.74 6.62
C MET F 3 -31.71 2.12 7.20
N LEU F 4 -31.42 3.43 7.24
CA LEU F 4 -30.16 3.89 7.77
C LEU F 4 -30.00 3.37 9.20
N GLU F 5 -31.06 3.50 10.00
CA GLU F 5 -31.04 3.04 11.38
C GLU F 5 -30.80 1.53 11.46
N GLN F 6 -31.12 0.82 10.38
CA GLN F 6 -30.91 -0.62 10.38
C GLN F 6 -29.41 -0.92 10.31
N LEU F 7 -28.68 -0.15 9.50
CA LEU F 7 -27.24 -0.35 9.40
C LEU F 7 -26.58 0.10 10.70
N GLU F 8 -27.00 1.26 11.21
CA GLU F 8 -26.44 1.78 12.46
C GLU F 8 -26.57 0.76 13.58
N LYS F 9 -27.63 -0.05 13.55
CA LYS F 9 -27.84 -1.06 14.58
C LYS F 9 -26.85 -2.21 14.42
N LYS F 10 -26.67 -2.69 13.18
CA LYS F 10 -25.73 -3.77 12.92
C LYS F 10 -24.32 -3.34 13.32
N LEU F 11 -24.02 -2.06 13.09
CA LEU F 11 -22.72 -1.49 13.42
C LEU F 11 -22.60 -1.31 14.92
N GLY F 12 -23.72 -1.05 15.57
CA GLY F 12 -23.70 -0.81 17.01
C GLY F 12 -23.26 0.63 17.24
N TYR F 13 -23.55 1.50 16.28
CA TYR F 13 -23.17 2.90 16.39
C TYR F 13 -24.16 3.83 15.70
N THR F 14 -24.59 4.86 16.40
CA THR F 14 -25.54 5.83 15.86
C THR F 14 -24.80 7.08 15.40
N PHE F 15 -25.03 7.51 14.16
CA PHE F 15 -24.37 8.70 13.63
C PHE F 15 -24.99 10.00 14.14
N LYS F 16 -24.13 10.99 14.35
CA LYS F 16 -24.57 12.31 14.80
C LYS F 16 -24.91 13.10 13.54
N ASP F 17 -24.21 12.80 12.46
CA ASP F 17 -24.43 13.45 11.17
C ASP F 17 -24.76 12.39 10.13
N LYS F 18 -26.05 12.11 9.97
CA LYS F 18 -26.50 11.09 9.02
C LYS F 18 -26.01 11.38 7.60
N SER F 19 -25.76 12.65 7.30
CA SER F 19 -25.31 13.03 5.97
C SER F 19 -23.95 12.38 5.69
N LEU F 20 -23.17 12.18 6.75
CA LEU F 20 -21.85 11.59 6.63
C LEU F 20 -21.96 10.10 6.28
N LEU F 21 -22.88 9.40 6.95
CA LEU F 21 -23.09 7.98 6.71
C LEU F 21 -23.58 7.79 5.27
N GLU F 22 -24.51 8.65 4.86
CA GLU F 22 -25.08 8.59 3.53
C GLU F 22 -24.02 8.76 2.44
N LYS F 23 -23.08 9.67 2.66
CA LYS F 23 -22.02 9.92 1.69
C LYS F 23 -21.15 8.66 1.55
N ALA F 24 -20.90 7.99 2.67
CA ALA F 24 -20.08 6.79 2.67
C ALA F 24 -20.74 5.68 1.84
N LEU F 25 -22.07 5.59 1.94
CA LEU F 25 -22.84 4.58 1.21
C LEU F 25 -23.15 4.97 -0.25
N THR F 26 -22.75 6.15 -0.72
CA THR F 26 -23.04 6.63 -2.07
C THR F 26 -21.89 6.55 -3.07
N HIS F 27 -22.18 6.04 -4.27
CA HIS F 27 -21.20 5.89 -5.34
C HIS F 27 -21.18 7.13 -6.24
N VAL F 28 -20.05 7.36 -6.92
CA VAL F 28 -19.90 8.52 -7.80
C VAL F 28 -21.04 8.71 -8.80
N SER F 29 -21.58 7.61 -9.31
CA SER F 29 -22.67 7.68 -10.28
C SER F 29 -23.93 8.35 -9.71
N TYR F 30 -24.42 7.84 -8.59
CA TYR F 30 -25.62 8.37 -7.95
C TYR F 30 -25.53 9.87 -7.65
N SER F 31 -24.32 10.32 -7.32
CA SER F 31 -24.09 11.73 -7.01
C SER F 31 -22.65 12.13 -7.37
N LYS F 32 -22.52 12.92 -8.44
CA LYS F 32 -21.20 13.36 -8.91
C LYS F 32 -20.58 14.44 -8.02
N LYS F 33 -21.24 14.74 -6.91
CA LYS F 33 -20.73 15.77 -6.00
C LYS F 33 -20.60 15.32 -4.55
N GLU F 34 -21.27 14.22 -4.21
CA GLU F 34 -21.23 13.70 -2.83
C GLU F 34 -21.02 12.18 -2.77
N HIS F 35 -19.87 11.71 -3.23
CA HIS F 35 -19.56 10.29 -3.21
C HIS F 35 -18.60 9.91 -2.07
N TYR F 36 -18.23 8.63 -1.98
CA TYR F 36 -17.35 8.15 -0.92
C TYR F 36 -15.84 8.21 -1.21
N GLU F 37 -15.46 8.77 -2.35
CA GLU F 37 -14.05 8.85 -2.74
C GLU F 37 -13.06 9.28 -1.65
N THR F 38 -13.21 10.47 -1.09
CA THR F 38 -12.28 10.91 -0.05
C THR F 38 -12.43 10.07 1.22
N LEU F 39 -13.66 9.70 1.55
CA LEU F 39 -13.92 8.85 2.72
C LEU F 39 -13.25 7.49 2.47
N GLU F 40 -13.33 7.04 1.22
CA GLU F 40 -12.74 5.77 0.80
C GLU F 40 -11.24 5.82 1.01
N PHE F 41 -10.64 6.93 0.58
CA PHE F 41 -9.22 7.16 0.69
C PHE F 41 -8.74 7.07 2.16
N LEU F 42 -9.47 7.73 3.06
CA LEU F 42 -9.13 7.69 4.48
C LEU F 42 -9.42 6.32 5.10
N GLY F 43 -10.56 5.73 4.74
CA GLY F 43 -10.91 4.43 5.30
C GLY F 43 -9.89 3.36 4.96
N ASP F 44 -9.32 3.45 3.77
CA ASP F 44 -8.31 2.48 3.35
C ASP F 44 -7.19 2.44 4.38
N ALA F 45 -6.61 3.61 4.67
CA ALA F 45 -5.52 3.69 5.65
C ALA F 45 -5.98 3.37 7.08
N LEU F 46 -7.21 3.74 7.42
CA LEU F 46 -7.70 3.48 8.77
C LEU F 46 -7.85 1.97 9.00
N VAL F 47 -8.59 1.33 8.09
CA VAL F 47 -8.82 -0.11 8.19
C VAL F 47 -7.51 -0.89 8.09
N ASN F 48 -6.61 -0.43 7.23
CA ASN F 48 -5.31 -1.09 7.08
C ASN F 48 -4.61 -1.08 8.45
N PHE F 49 -4.70 0.03 9.14
CA PHE F 49 -4.07 0.12 10.46
C PHE F 49 -4.69 -0.91 11.42
N PHE F 50 -6.03 -0.95 11.45
CA PHE F 50 -6.77 -1.88 12.33
C PHE F 50 -6.34 -3.33 12.07
N ILE F 51 -6.29 -3.71 10.80
CA ILE F 51 -5.91 -5.05 10.39
C ILE F 51 -4.48 -5.39 10.78
N VAL F 52 -3.55 -4.49 10.47
CA VAL F 52 -2.15 -4.75 10.80
C VAL F 52 -1.93 -4.81 12.32
N ASP F 53 -2.66 -3.98 13.06
CA ASP F 53 -2.52 -3.99 14.53
C ASP F 53 -2.82 -5.41 15.04
N LEU F 54 -3.89 -6.01 14.54
CA LEU F 54 -4.26 -7.36 14.92
C LEU F 54 -3.22 -8.36 14.44
N LEU F 55 -2.84 -8.25 13.17
CA LEU F 55 -1.88 -9.16 12.58
C LEU F 55 -0.56 -9.28 13.33
N VAL F 56 0.03 -8.16 13.74
CA VAL F 56 1.30 -8.24 14.45
C VAL F 56 1.18 -8.85 15.85
N GLN F 57 0.03 -8.70 16.49
CA GLN F 57 -0.14 -9.27 17.82
C GLN F 57 -0.44 -10.77 17.81
N TYR F 58 -1.28 -11.19 16.87
CA TYR F 58 -1.71 -12.58 16.82
C TYR F 58 -1.07 -13.55 15.82
N SER F 59 -0.25 -13.06 14.90
CA SER F 59 0.38 -13.96 13.94
C SER F 59 1.24 -15.01 14.64
N PRO F 60 1.19 -16.27 14.17
CA PRO F 60 1.98 -17.35 14.76
C PRO F 60 3.44 -17.30 14.31
N ASN F 61 3.78 -16.27 13.55
CA ASN F 61 5.13 -16.07 13.03
C ASN F 61 5.25 -14.57 12.77
N LYS F 62 6.17 -13.92 13.46
CA LYS F 62 6.34 -12.48 13.33
C LYS F 62 7.31 -12.00 12.26
N ARG F 63 7.86 -12.91 11.47
CA ARG F 63 8.79 -12.49 10.43
C ARG F 63 8.06 -11.82 9.26
N GLU F 64 8.69 -10.79 8.71
CA GLU F 64 8.12 -10.03 7.61
C GLU F 64 7.67 -10.88 6.42
N GLY F 65 8.46 -11.88 6.06
CA GLY F 65 8.11 -12.74 4.95
C GLY F 65 6.82 -13.51 5.22
N PHE F 66 6.48 -13.66 6.49
CA PHE F 66 5.28 -14.36 6.91
C PHE F 66 4.08 -13.41 7.03
N LEU F 67 4.29 -12.24 7.61
CA LEU F 67 3.20 -11.27 7.78
C LEU F 67 2.69 -10.72 6.43
N SER F 68 3.61 -10.47 5.51
CA SER F 68 3.26 -9.92 4.19
C SER F 68 2.12 -10.63 3.47
N PRO F 69 2.26 -11.95 3.20
CA PRO F 69 1.17 -12.64 2.50
C PRO F 69 -0.17 -12.61 3.26
N LEU F 70 -0.12 -12.70 4.58
CA LEU F 70 -1.36 -12.66 5.37
C LEU F 70 -2.00 -11.28 5.25
N LYS F 71 -1.18 -10.24 5.36
CA LYS F 71 -1.69 -8.88 5.26
C LYS F 71 -2.31 -8.68 3.88
N ALA F 72 -1.60 -9.10 2.84
CA ALA F 72 -2.11 -8.94 1.48
C ALA F 72 -3.53 -9.53 1.39
N TYR F 73 -3.76 -10.67 2.02
CA TYR F 73 -5.11 -11.24 2.00
C TYR F 73 -6.06 -10.46 2.93
N LEU F 74 -5.57 -10.08 4.10
CA LEU F 74 -6.45 -9.37 5.03
C LEU F 74 -6.96 -8.01 4.56
N ILE F 75 -6.22 -7.33 3.69
CA ILE F 75 -6.68 -6.02 3.20
C ILE F 75 -7.18 -6.12 1.77
N SER F 76 -7.32 -7.34 1.28
CA SER F 76 -7.80 -7.54 -0.08
C SER F 76 -9.30 -7.29 -0.21
N GLU F 77 -9.73 -7.08 -1.45
CA GLU F 77 -11.13 -6.84 -1.75
C GLU F 77 -11.98 -8.03 -1.32
N GLU F 78 -11.43 -9.23 -1.45
CA GLU F 78 -12.16 -10.44 -1.06
C GLU F 78 -12.47 -10.46 0.43
N PHE F 79 -11.46 -10.20 1.26
CA PHE F 79 -11.70 -10.21 2.69
C PHE F 79 -12.62 -9.08 3.13
N PHE F 80 -12.45 -7.90 2.55
CA PHE F 80 -13.31 -6.78 2.91
C PHE F 80 -14.75 -7.14 2.63
N ASN F 81 -14.97 -7.86 1.53
CA ASN F 81 -16.31 -8.26 1.19
C ASN F 81 -16.88 -9.25 2.20
N LEU F 82 -16.03 -10.13 2.73
CA LEU F 82 -16.47 -11.08 3.73
C LEU F 82 -16.94 -10.35 5.00
N LEU F 83 -16.18 -9.33 5.42
CA LEU F 83 -16.55 -8.55 6.59
C LEU F 83 -17.81 -7.75 6.29
N ALA F 84 -17.89 -7.21 5.07
CA ALA F 84 -19.04 -6.41 4.65
C ALA F 84 -20.32 -7.21 4.72
N GLN F 85 -20.26 -8.45 4.27
CA GLN F 85 -21.41 -9.34 4.27
C GLN F 85 -22.02 -9.48 5.65
N LYS F 86 -21.20 -9.37 6.68
CA LYS F 86 -21.69 -9.49 8.05
C LYS F 86 -22.61 -8.33 8.37
N LEU F 87 -22.51 -7.27 7.58
CA LEU F 87 -23.35 -6.09 7.78
C LEU F 87 -24.39 -5.99 6.66
N GLU F 88 -24.37 -6.96 5.75
CA GLU F 88 -25.29 -6.97 4.61
C GLU F 88 -25.17 -5.59 4.00
N LEU F 89 -23.94 -5.11 3.93
CA LEU F 89 -23.63 -3.78 3.43
C LEU F 89 -24.22 -3.45 2.07
N HIS F 90 -24.21 -4.41 1.15
CA HIS F 90 -24.73 -4.18 -0.20
C HIS F 90 -26.15 -3.63 -0.24
N LYS F 91 -27.00 -4.02 0.69
CA LYS F 91 -28.37 -3.54 0.68
C LYS F 91 -28.54 -2.10 1.15
N PHE F 92 -27.44 -1.46 1.53
CA PHE F 92 -27.51 -0.08 1.99
C PHE F 92 -26.82 0.88 1.02
N ILE F 93 -26.09 0.32 0.05
CA ILE F 93 -25.37 1.13 -0.93
C ILE F 93 -26.24 1.77 -1.99
N ARG F 94 -25.95 3.03 -2.30
CA ARG F 94 -26.69 3.79 -3.29
C ARG F 94 -25.82 3.99 -4.54
N ILE F 95 -26.35 3.58 -5.68
CA ILE F 95 -25.65 3.72 -6.94
C ILE F 95 -26.64 4.06 -8.05
N LYS F 96 -26.21 4.89 -8.99
CA LYS F 96 -27.06 5.27 -10.11
C LYS F 96 -26.80 4.32 -11.27
N ARG F 97 -25.66 4.50 -11.92
CA ARG F 97 -25.27 3.68 -13.07
C ARG F 97 -25.19 2.18 -12.77
N GLY F 98 -25.22 1.40 -13.86
CA GLY F 98 -25.13 -0.04 -13.81
C GLY F 98 -25.44 -0.80 -12.53
N LYS F 99 -24.57 -1.78 -12.24
CA LYS F 99 -24.74 -2.63 -11.07
C LYS F 99 -23.64 -2.49 -10.03
N ILE F 100 -23.92 -3.03 -8.86
CA ILE F 100 -23.01 -3.02 -7.73
C ILE F 100 -22.14 -4.26 -7.82
N ASN F 101 -20.83 -4.11 -7.60
CA ASN F 101 -19.89 -5.23 -7.65
C ASN F 101 -19.05 -5.29 -6.38
N GLU F 102 -18.16 -6.28 -6.27
CA GLU F 102 -17.33 -6.44 -5.08
C GLU F 102 -16.36 -5.30 -4.83
N THR F 103 -15.96 -4.60 -5.89
CA THR F 103 -15.05 -3.48 -5.75
C THR F 103 -15.78 -2.34 -5.06
N ILE F 104 -17.02 -2.13 -5.45
CA ILE F 104 -17.84 -1.07 -4.88
C ILE F 104 -18.15 -1.36 -3.43
N ILE F 105 -18.49 -2.60 -3.13
CA ILE F 105 -18.80 -2.99 -1.76
C ILE F 105 -17.56 -2.78 -0.91
N GLY F 106 -16.40 -3.17 -1.45
CA GLY F 106 -15.15 -2.99 -0.73
C GLY F 106 -14.83 -1.53 -0.45
N ASP F 107 -14.98 -0.68 -1.47
CA ASP F 107 -14.72 0.75 -1.31
C ASP F 107 -15.62 1.36 -0.24
N VAL F 108 -16.89 0.98 -0.29
CA VAL F 108 -17.89 1.47 0.65
C VAL F 108 -17.58 1.01 2.06
N PHE F 109 -17.13 -0.24 2.21
CA PHE F 109 -16.76 -0.76 3.52
C PHE F 109 -15.71 0.17 4.12
N GLN F 110 -14.74 0.55 3.28
CA GLN F 110 -13.67 1.49 3.69
C GLN F 110 -14.25 2.85 4.07
N ALA F 111 -15.06 3.41 3.19
CA ALA F 111 -15.67 4.72 3.43
C ALA F 111 -16.51 4.69 4.69
N LEU F 112 -17.20 3.57 4.91
CA LEU F 112 -18.03 3.43 6.10
C LEU F 112 -17.24 3.66 7.37
N TRP F 113 -16.05 3.01 7.49
CA TRP F 113 -15.23 3.18 8.69
C TRP F 113 -14.59 4.54 8.80
N ALA F 114 -14.38 5.21 7.67
CA ALA F 114 -13.83 6.55 7.70
C ALA F 114 -14.90 7.46 8.25
N ALA F 115 -16.15 7.17 7.90
CA ALA F 115 -17.28 7.98 8.36
C ALA F 115 -17.48 7.86 9.86
N VAL F 116 -17.36 6.64 10.38
CA VAL F 116 -17.50 6.42 11.82
C VAL F 116 -16.41 7.18 12.55
N TYR F 117 -15.18 7.03 12.06
CA TYR F 117 -14.00 7.69 12.63
C TYR F 117 -14.22 9.21 12.72
N ILE F 118 -14.59 9.83 11.61
CA ILE F 118 -14.81 11.26 11.59
C ILE F 118 -15.99 11.68 12.46
N ASP F 119 -17.11 10.96 12.35
CA ASP F 119 -18.30 11.27 13.12
C ASP F 119 -18.08 11.19 14.62
N SER F 120 -17.20 10.29 15.04
CA SER F 120 -16.90 10.11 16.46
C SER F 120 -15.94 11.19 16.97
N GLY F 121 -15.62 12.16 16.12
CA GLY F 121 -14.71 13.22 16.50
C GLY F 121 -13.27 12.81 16.25
N ARG F 122 -13.06 12.02 15.20
CA ARG F 122 -11.72 11.52 14.84
C ARG F 122 -11.08 10.80 16.03
N ASP F 123 -11.87 9.92 16.63
CA ASP F 123 -11.47 9.12 17.78
C ASP F 123 -11.04 7.74 17.25
N ALA F 124 -9.74 7.56 17.04
CA ALA F 124 -9.24 6.30 16.50
C ALA F 124 -9.44 5.10 17.43
N ASN F 125 -9.23 5.29 18.73
CA ASN F 125 -9.39 4.20 19.69
C ASN F 125 -10.83 3.69 19.69
N PHE F 126 -11.77 4.62 19.74
CA PHE F 126 -13.19 4.27 19.75
C PHE F 126 -13.58 3.52 18.48
N THR F 127 -13.17 4.04 17.34
CA THR F 127 -13.50 3.43 16.05
C THR F 127 -12.88 2.03 15.97
N ARG F 128 -11.64 1.91 16.42
CA ARG F 128 -10.93 0.64 16.44
C ARG F 128 -11.67 -0.42 17.26
N GLU F 129 -12.08 -0.06 18.48
CA GLU F 129 -12.78 -1.00 19.35
C GLU F 129 -14.10 -1.44 18.75
N LEU F 130 -14.79 -0.52 18.10
CA LEU F 130 -16.05 -0.82 17.46
C LEU F 130 -15.78 -1.80 16.29
N PHE F 131 -14.67 -1.58 15.58
CA PHE F 131 -14.30 -2.43 14.45
C PHE F 131 -13.99 -3.83 14.99
N TYR F 132 -13.18 -3.89 16.05
CA TYR F 132 -12.82 -5.16 16.65
C TYR F 132 -14.02 -5.94 17.21
N LYS F 133 -14.96 -5.24 17.83
CA LYS F 133 -16.12 -5.89 18.38
C LYS F 133 -16.85 -6.67 17.28
N LEU F 134 -16.86 -6.11 16.08
CA LEU F 134 -17.52 -6.75 14.95
C LEU F 134 -16.68 -7.77 14.18
N PHE F 135 -15.40 -7.48 13.97
CA PHE F 135 -14.55 -8.36 13.16
C PHE F 135 -13.30 -8.99 13.73
N LYS F 136 -12.95 -8.68 14.97
CA LYS F 136 -11.72 -9.26 15.51
C LYS F 136 -11.70 -10.79 15.43
N GLU F 137 -12.79 -11.43 15.79
CA GLU F 137 -12.88 -12.88 15.77
C GLU F 137 -12.63 -13.48 14.38
N ASP F 138 -13.27 -12.91 13.36
CA ASP F 138 -13.05 -13.41 12.01
C ASP F 138 -11.62 -13.12 11.55
N ILE F 139 -11.07 -11.98 11.96
CA ILE F 139 -9.70 -11.65 11.57
C ILE F 139 -8.74 -12.63 12.23
N LEU F 140 -8.91 -12.88 13.52
CA LEU F 140 -8.03 -13.82 14.21
C LEU F 140 -8.11 -15.22 13.60
N SER F 141 -9.31 -15.67 13.26
CA SER F 141 -9.43 -16.99 12.66
C SER F 141 -8.70 -16.98 11.32
N ALA F 142 -8.90 -15.92 10.52
CA ALA F 142 -8.22 -15.84 9.22
C ALA F 142 -6.70 -15.89 9.40
N ILE F 143 -6.23 -15.24 10.45
CA ILE F 143 -4.79 -15.21 10.77
C ILE F 143 -4.30 -16.61 11.18
N LYS F 144 -5.06 -17.25 12.07
CA LYS F 144 -4.70 -18.58 12.56
C LYS F 144 -4.73 -19.64 11.46
N GLU F 145 -5.73 -19.53 10.58
CA GLU F 145 -5.88 -20.47 9.47
C GLU F 145 -4.93 -20.19 8.30
N GLY F 146 -4.18 -19.11 8.39
CA GLY F 146 -3.23 -18.77 7.35
C GLY F 146 -3.83 -18.47 5.98
N ARG F 147 -4.99 -17.80 5.96
CA ARG F 147 -5.65 -17.44 4.70
C ARG F 147 -4.67 -16.60 3.88
N VAL F 148 -4.56 -16.89 2.58
CA VAL F 148 -3.66 -16.12 1.73
C VAL F 148 -4.22 -16.10 0.31
N LYS F 149 -3.63 -15.29 -0.56
CA LYS F 149 -4.09 -15.23 -1.93
C LYS F 149 -3.75 -16.53 -2.64
N LYS F 150 -4.61 -16.91 -3.59
CA LYS F 150 -4.42 -18.14 -4.37
C LYS F 150 -3.06 -18.19 -5.05
N ASP F 151 -2.38 -19.33 -4.92
CA ASP F 151 -1.07 -19.53 -5.51
C ASP F 151 -1.19 -19.90 -6.99
N TYR F 152 -0.07 -19.86 -7.71
CA TYR F 152 -0.04 -20.17 -9.14
C TYR F 152 -0.52 -21.56 -9.53
N LYS F 153 0.09 -22.60 -8.97
CA LYS F 153 -0.30 -23.97 -9.31
C LYS F 153 -1.80 -24.14 -9.22
N THR F 154 -2.38 -23.57 -8.17
CA THR F 154 -3.82 -23.65 -7.97
C THR F 154 -4.58 -22.84 -9.01
N ILE F 155 -4.04 -21.68 -9.36
CA ILE F 155 -4.67 -20.83 -10.37
C ILE F 155 -4.61 -21.58 -11.69
N LEU F 156 -3.44 -22.15 -11.98
CA LEU F 156 -3.23 -22.88 -13.22
C LEU F 156 -4.21 -24.02 -13.44
N GLN F 157 -4.34 -24.92 -12.47
CA GLN F 157 -5.25 -26.05 -12.65
C GLN F 157 -6.69 -25.61 -12.85
N GLU F 158 -7.05 -24.46 -12.29
CA GLU F 158 -8.41 -23.97 -12.45
C GLU F 158 -8.60 -23.52 -13.89
N ILE F 159 -7.53 -23.01 -14.49
CA ILE F 159 -7.58 -22.56 -15.88
C ILE F 159 -7.63 -23.78 -16.81
N THR F 160 -6.66 -24.67 -16.67
CA THR F 160 -6.62 -25.87 -17.50
C THR F 160 -7.90 -26.69 -17.37
N GLN F 161 -8.47 -26.62 -16.21
CA GLN F 161 -9.67 -27.35 -15.92
C GLN F 161 -10.86 -26.81 -16.67
N LYS F 162 -10.86 -25.50 -16.91
CA LYS F 162 -11.98 -24.87 -17.62
C LYS F 162 -11.85 -24.97 -19.13
N ARG F 163 -10.62 -24.94 -19.65
CA ARG F 163 -10.41 -25.01 -21.08
C ARG F 163 -10.38 -26.43 -21.63
N TRP F 164 -9.72 -27.34 -20.91
CA TRP F 164 -9.61 -28.73 -21.41
C TRP F 164 -10.13 -29.78 -20.44
N LYS F 165 -10.79 -29.34 -19.38
CA LYS F 165 -11.31 -30.30 -18.42
C LYS F 165 -10.24 -31.27 -17.94
N GLU F 166 -9.04 -30.76 -17.69
CA GLU F 166 -7.96 -31.58 -17.15
C GLU F 166 -6.89 -30.73 -16.47
N ARG F 167 -6.23 -31.35 -15.50
CA ARG F 167 -5.22 -30.67 -14.71
C ARG F 167 -3.81 -30.84 -15.28
N PRO F 168 -2.93 -29.88 -15.00
CA PRO F 168 -1.54 -29.92 -15.49
C PRO F 168 -0.72 -31.02 -14.85
N GLU F 169 0.46 -31.26 -15.41
CA GLU F 169 1.35 -32.27 -14.88
C GLU F 169 2.68 -31.62 -14.60
N TYR F 170 3.42 -32.18 -13.66
CA TYR F 170 4.72 -31.64 -13.30
C TYR F 170 5.69 -32.81 -13.22
N ARG F 171 6.90 -32.62 -13.75
CA ARG F 171 7.88 -33.69 -13.70
C ARG F 171 9.24 -33.07 -13.45
N LEU F 172 10.00 -33.71 -12.55
CA LEU F 172 11.32 -33.24 -12.16
C LEU F 172 12.34 -33.48 -13.26
N ILE F 173 12.91 -32.40 -13.78
CA ILE F 173 13.92 -32.49 -14.82
C ILE F 173 15.27 -32.82 -14.22
N SER F 174 15.73 -32.01 -13.27
CA SER F 174 17.03 -32.25 -12.64
C SER F 174 17.20 -31.63 -11.25
N VAL F 175 18.24 -32.07 -10.55
CA VAL F 175 18.58 -31.58 -9.23
C VAL F 175 20.06 -31.24 -9.22
N GLU F 176 20.39 -30.01 -8.83
CA GLU F 176 21.79 -29.56 -8.81
C GLU F 176 22.28 -29.18 -7.42
N GLY F 177 23.57 -28.88 -7.33
CA GLY F 177 24.19 -28.46 -6.08
C GLY F 177 24.31 -29.54 -5.03
N PRO F 178 24.78 -29.18 -3.83
CA PRO F 178 24.96 -30.12 -2.71
C PRO F 178 23.60 -30.45 -2.08
N HIS F 179 23.53 -31.59 -1.41
CA HIS F 179 22.28 -32.02 -0.78
C HIS F 179 21.63 -31.00 0.15
N HIS F 180 22.44 -30.18 0.81
CA HIS F 180 21.89 -29.19 1.73
C HIS F 180 21.54 -27.88 1.02
N LYS F 181 21.85 -27.83 -0.28
CA LYS F 181 21.55 -26.64 -1.08
C LYS F 181 21.24 -27.05 -2.51
N LYS F 182 20.27 -27.94 -2.66
CA LYS F 182 19.87 -28.43 -3.97
C LYS F 182 19.13 -27.39 -4.81
N LYS F 183 19.18 -27.58 -6.12
CA LYS F 183 18.50 -26.70 -7.05
C LYS F 183 17.61 -27.61 -7.88
N PHE F 184 16.32 -27.27 -7.94
CA PHE F 184 15.35 -28.09 -8.67
C PHE F 184 14.88 -27.46 -9.96
N ILE F 185 14.81 -28.28 -11.01
CA ILE F 185 14.32 -27.84 -12.31
C ILE F 185 13.11 -28.69 -12.67
N VAL F 186 11.94 -28.08 -12.60
CA VAL F 186 10.69 -28.77 -12.87
C VAL F 186 9.98 -28.28 -14.13
N GLU F 187 9.36 -29.20 -14.84
CA GLU F 187 8.63 -28.88 -16.05
C GLU F 187 7.13 -28.96 -15.81
N ALA F 188 6.42 -27.87 -16.10
CA ALA F 188 4.98 -27.85 -15.95
C ALA F 188 4.48 -28.18 -17.35
N LYS F 189 3.40 -28.96 -17.44
CA LYS F 189 2.90 -29.33 -18.76
C LYS F 189 1.40 -29.49 -18.83
N ILE F 190 0.83 -28.99 -19.90
CA ILE F 190 -0.60 -29.09 -20.16
C ILE F 190 -0.73 -29.16 -21.69
N LYS F 191 -1.38 -30.21 -22.19
CA LYS F 191 -1.50 -30.37 -23.63
C LYS F 191 -0.08 -30.40 -24.21
N GLU F 192 0.21 -29.49 -25.13
CA GLU F 192 1.54 -29.44 -25.72
C GLU F 192 2.32 -28.21 -25.26
N TYR F 193 1.79 -27.52 -24.26
CA TYR F 193 2.45 -26.33 -23.72
C TYR F 193 3.35 -26.79 -22.58
N ARG F 194 4.62 -26.41 -22.61
CA ARG F 194 5.55 -26.80 -21.55
C ARG F 194 6.40 -25.61 -21.10
N THR F 195 6.74 -25.60 -19.81
CA THR F 195 7.54 -24.54 -19.22
C THR F 195 8.46 -25.11 -18.15
N LEU F 196 9.56 -24.41 -17.87
CA LEU F 196 10.50 -24.86 -16.85
C LEU F 196 10.42 -23.95 -15.62
N GLY F 197 10.83 -24.49 -14.48
CA GLY F 197 10.81 -23.74 -13.23
C GLY F 197 12.00 -24.19 -12.41
N GLU F 198 12.63 -23.25 -11.71
CA GLU F 198 13.79 -23.58 -10.90
C GLU F 198 13.62 -23.03 -9.49
N GLY F 199 14.21 -23.71 -8.50
CA GLY F 199 14.08 -23.25 -7.12
C GLY F 199 14.76 -24.11 -6.08
N LYS F 200 14.67 -23.67 -4.83
CA LYS F 200 15.27 -24.37 -3.69
C LYS F 200 14.50 -25.63 -3.28
N SER F 201 13.26 -25.75 -3.73
CA SER F 201 12.43 -26.89 -3.38
C SER F 201 11.59 -27.32 -4.58
N LYS F 202 11.20 -28.59 -4.60
CA LYS F 202 10.37 -29.10 -5.69
C LYS F 202 9.16 -28.18 -5.87
N LYS F 203 8.46 -27.90 -4.78
CA LYS F 203 7.27 -27.07 -4.87
C LYS F 203 7.54 -25.66 -5.41
N GLU F 204 8.64 -25.05 -5.00
CA GLU F 204 8.96 -23.72 -5.48
C GLU F 204 9.23 -23.78 -6.98
N ALA F 205 10.07 -24.72 -7.41
CA ALA F 205 10.37 -24.87 -8.82
C ALA F 205 9.06 -25.07 -9.57
N GLU F 206 8.14 -25.79 -8.93
CA GLU F 206 6.81 -26.05 -9.51
C GLU F 206 5.99 -24.77 -9.62
N GLN F 207 6.00 -23.96 -8.57
CA GLN F 207 5.25 -22.71 -8.55
C GLN F 207 5.68 -21.77 -9.68
N ARG F 208 6.98 -21.69 -9.92
CA ARG F 208 7.51 -20.84 -10.97
C ARG F 208 7.14 -21.39 -12.34
N ALA F 209 7.29 -22.70 -12.52
CA ALA F 209 6.94 -23.33 -13.78
C ALA F 209 5.46 -23.07 -14.07
N ALA F 210 4.64 -23.14 -13.02
CA ALA F 210 3.22 -22.90 -13.18
C ALA F 210 2.96 -21.46 -13.58
N GLU F 211 3.68 -20.55 -12.94
CA GLU F 211 3.53 -19.12 -13.20
C GLU F 211 3.78 -18.81 -14.68
N GLU F 212 4.89 -19.31 -15.19
CA GLU F 212 5.27 -19.10 -16.58
C GLU F 212 4.29 -19.77 -17.54
N LEU F 213 3.78 -20.93 -17.15
CA LEU F 213 2.84 -21.65 -17.98
C LEU F 213 1.46 -21.00 -17.99
N ILE F 214 1.15 -20.21 -16.97
CA ILE F 214 -0.14 -19.54 -16.91
C ILE F 214 -0.20 -18.48 -17.99
N LYS F 215 0.86 -17.66 -18.07
CA LYS F 215 0.93 -16.60 -19.05
C LYS F 215 1.03 -17.19 -20.46
N LEU F 216 1.85 -18.22 -20.62
CA LEU F 216 2.02 -18.86 -21.92
C LEU F 216 0.65 -19.30 -22.43
N LEU F 217 -0.29 -19.50 -21.51
CA LEU F 217 -1.64 -19.90 -21.86
C LEU F 217 -2.52 -18.68 -22.13
N GLU F 218 -2.51 -17.73 -21.19
CA GLU F 218 -3.30 -16.51 -21.32
C GLU F 218 -2.83 -15.74 -22.55
N GLU F 219 -1.58 -15.98 -22.94
CA GLU F 219 -1.00 -15.33 -24.11
C GLU F 219 -1.75 -15.83 -25.34
N SER F 220 -1.76 -17.14 -25.51
CA SER F 220 -2.44 -17.77 -26.63
C SER F 220 -3.69 -18.50 -26.16
S SO4 G . 8.92 31.21 -10.18
O1 SO4 G . 9.73 31.07 -11.41
O2 SO4 G . 9.20 30.10 -9.26
O3 SO4 G . 7.48 31.19 -10.53
O4 SO4 G . 9.26 32.49 -9.53
S SO4 H . -4.83 26.25 -13.09
O1 SO4 H . -5.96 26.48 -12.16
O2 SO4 H . -5.10 26.94 -14.37
O3 SO4 H . -4.68 24.80 -13.33
O4 SO4 H . -3.59 26.80 -12.51
S SO4 I . 9.51 4.91 -1.80
O1 SO4 I . 10.76 5.69 -1.85
O2 SO4 I . 9.59 3.78 -2.74
O3 SO4 I . 8.38 5.77 -2.17
O4 SO4 I . 9.31 4.39 -0.43
S SO4 J . -1.05 8.01 -17.38
O1 SO4 J . -2.32 7.32 -17.69
O2 SO4 J . 0.08 7.26 -17.95
O3 SO4 J . -0.89 8.10 -15.93
O4 SO4 J . -1.09 9.37 -17.96
S SO4 K . 24.98 5.13 -25.67
O1 SO4 K . 24.04 5.58 -26.73
O2 SO4 K . 24.64 3.76 -25.26
O3 SO4 K . 24.89 6.03 -24.51
O4 SO4 K . 26.36 5.16 -26.20
S SO4 L . -7.27 -6.93 -4.08
O1 SO4 L . -8.33 -7.87 -4.45
O2 SO4 L . -6.79 -6.23 -5.29
O3 SO4 L . -6.15 -7.66 -3.46
O4 SO4 L . -7.79 -5.92 -3.13
S SO4 M . -7.69 -24.57 -27.42
O1 SO4 M . -7.91 -26.03 -27.54
O2 SO4 M . -6.27 -24.32 -27.11
O3 SO4 M . -8.53 -24.03 -26.34
O4 SO4 M . -8.04 -23.92 -28.68
#